data_6X6M
#
_entry.id   6X6M
#
_cell.length_a   50.240
_cell.length_b   60.868
_cell.length_c   63.609
_cell.angle_alpha   66.403
_cell.angle_beta   72.742
_cell.angle_gamma   68.354
#
_symmetry.space_group_name_H-M   'P 1'
#
loop_
_entity.id
_entity.type
_entity.pdbx_description
1 polymer 'Antifreeze protein'
2 polymer peptide
3 non-polymer 'CALCIUM ION'
4 non-polymer 'PENTAETHYLENE GLYCOL'
5 water water
#
loop_
_entity_poly.entity_id
_entity_poly.type
_entity_poly.pdbx_seq_one_letter_code
_entity_poly.pdbx_strand_id
1 'polypeptide(L)'
;EATAGTVTVNAITSDDTIDGIELGQTISISGKAVGGDISVGDVVKMTINNTEYSTTVKAGGIWMIAGVLGSDLAADSEFD
VVVTSSDAAGNKVQSIGTSTHSVDLSAEANFSLAEGQQHVLTNLPEGFGFPDGTTEVVTNFGGTITLGDDGEYRYDAPVR
DHGDAVSDKDSVTVTLEDGRTFTVNLDIQDSAPVAVDDQDSIVVQHEEFEVSEIAASWVSYTHGESVTTFDGTSDLGGVD
NDSAKDQIRWGNPAESKQSGYGFIDNDSNLEGRFDLNQDISVGTFTHYNYPVYSGGAITSAEMSVEFSVLDHLGVSTPVT
LTVNFDHNETPNTNDVNASRDIVTVQNTHVTFERDGDIYTVQIVGFREVGNPDGEVVTSIYTNENAATSYELVVRVVEGD
GYSLPSTEGNIFDDNGLGADSLGADGSVTVVGVAVGAIVSSNESVGHSIEGQYGNLVLNSDGSYVYDVTASVSDIPAGAT
ESFAYLIQDQDGSTSSANLSINVGTN
;
A
2 'polypeptide(L)' DSTD B
#
loop_
_chem_comp.id
_chem_comp.type
_chem_comp.name
_chem_comp.formula
1PE non-polymer 'PENTAETHYLENE GLYCOL' 'C10 H22 O6'
CA non-polymer 'CALCIUM ION' 'Ca 2'
#
# COMPACT_ATOMS: atom_id res chain seq x y z
N GLU A 1 53.93 44.95 -60.56
CA GLU A 1 53.26 43.86 -59.84
C GLU A 1 51.90 44.32 -59.30
N ALA A 2 50.85 43.61 -59.71
CA ALA A 2 49.50 44.02 -59.33
C ALA A 2 49.28 43.81 -57.85
N THR A 3 48.30 44.55 -57.31
CA THR A 3 47.97 44.52 -55.89
C THR A 3 46.78 43.61 -55.63
N ALA A 4 46.98 42.58 -54.80
CA ALA A 4 45.90 41.66 -54.46
C ALA A 4 44.86 42.31 -53.55
N GLY A 5 43.61 41.86 -53.70
CA GLY A 5 42.51 42.33 -52.87
C GLY A 5 42.14 41.35 -51.77
N THR A 6 41.06 41.68 -51.07
CA THR A 6 40.56 40.87 -49.97
C THR A 6 39.36 40.07 -50.47
N VAL A 7 39.46 38.74 -50.39
CA VAL A 7 38.40 37.84 -50.78
C VAL A 7 37.79 37.25 -49.51
N THR A 8 36.48 37.43 -49.35
CA THR A 8 35.76 36.90 -48.20
C THR A 8 34.60 36.03 -48.67
N VAL A 9 34.29 35.01 -47.88
CA VAL A 9 33.18 34.12 -48.14
C VAL A 9 32.20 34.21 -46.98
N ASN A 10 30.93 34.41 -47.29
CA ASN A 10 29.91 34.48 -46.26
C ASN A 10 29.65 33.09 -45.69
N ALA A 11 28.94 33.07 -44.56
CA ALA A 11 28.58 31.79 -43.94
C ALA A 11 27.83 30.91 -44.93
N ILE A 12 28.12 29.61 -44.89
CA ILE A 12 27.46 28.63 -45.75
C ILE A 12 26.11 28.32 -45.10
N THR A 13 25.04 28.96 -45.61
CA THR A 13 23.76 28.96 -44.93
C THR A 13 23.87 29.74 -43.62
N SER A 14 22.73 30.02 -42.97
CA SER A 14 22.73 30.93 -41.84
C SER A 14 23.64 30.45 -40.72
N ASP A 15 23.56 29.17 -40.37
CA ASP A 15 24.33 28.64 -39.27
C ASP A 15 25.69 28.11 -39.70
N ASP A 16 26.10 28.36 -40.94
CA ASP A 16 27.43 27.95 -41.42
C ASP A 16 27.63 26.44 -41.30
N THR A 17 26.55 25.67 -41.42
CA THR A 17 26.68 24.22 -41.45
C THR A 17 25.63 23.65 -42.40
N ILE A 18 25.98 22.52 -43.02
CA ILE A 18 25.08 21.81 -43.93
C ILE A 18 24.42 20.68 -43.15
N ASP A 19 23.09 20.75 -43.01
CA ASP A 19 22.35 19.71 -42.29
C ASP A 19 21.72 18.74 -43.29
N GLY A 20 20.92 17.82 -42.76
CA GLY A 20 20.36 16.73 -43.55
C GLY A 20 19.29 17.16 -44.51
N ILE A 21 18.63 18.29 -44.25
CA ILE A 21 17.64 18.79 -45.20
C ILE A 21 18.33 19.57 -46.32
N GLU A 22 19.25 20.45 -45.95
CA GLU A 22 20.07 21.14 -46.93
C GLU A 22 20.81 20.18 -47.85
N LEU A 23 21.08 18.95 -47.37
CA LEU A 23 21.79 17.97 -48.17
C LEU A 23 21.15 17.76 -49.53
N GLY A 24 19.82 17.81 -49.60
CA GLY A 24 19.13 17.52 -50.84
C GLY A 24 18.71 18.76 -51.61
N GLN A 25 19.31 19.91 -51.29
CA GLN A 25 18.93 21.17 -51.92
C GLN A 25 20.13 21.81 -52.62
N THR A 26 19.84 22.80 -53.45
N THR A 26 19.83 22.83 -53.41
CA THR A 26 20.86 23.64 -54.05
CA THR A 26 20.83 23.67 -54.06
C THR A 26 21.06 24.87 -53.18
C THR A 26 21.05 24.89 -53.20
N ILE A 27 22.32 25.19 -52.90
CA ILE A 27 22.71 26.20 -51.93
C ILE A 27 23.41 27.37 -52.59
N SER A 28 22.91 28.57 -52.40
CA SER A 28 23.66 29.78 -52.77
C SER A 28 24.89 29.98 -51.89
N ILE A 29 25.96 30.41 -52.53
CA ILE A 29 27.24 30.73 -51.92
C ILE A 29 27.58 32.17 -52.31
N SER A 30 27.92 33.01 -51.32
CA SER A 30 28.17 34.41 -51.61
C SER A 30 29.35 34.92 -50.82
N GLY A 31 29.86 36.06 -51.26
CA GLY A 31 30.99 36.69 -50.61
C GLY A 31 31.32 38.04 -51.24
N LYS A 32 32.55 38.49 -50.96
CA LYS A 32 33.01 39.75 -51.51
C LYS A 32 34.45 39.62 -52.00
N ALA A 33 34.84 40.56 -52.85
CA ALA A 33 36.19 40.65 -53.39
C ALA A 33 36.45 42.14 -53.63
N VAL A 34 37.23 42.75 -52.73
CA VAL A 34 37.43 44.20 -52.74
C VAL A 34 38.90 44.51 -52.51
N GLY A 35 39.34 45.64 -53.06
CA GLY A 35 40.66 46.17 -52.82
C GLY A 35 41.66 45.76 -53.88
N GLY A 36 42.87 46.30 -53.74
CA GLY A 36 43.92 46.00 -54.70
C GLY A 36 43.48 46.32 -56.11
N ASP A 37 43.90 45.46 -57.04
CA ASP A 37 43.54 45.60 -58.45
C ASP A 37 42.32 44.77 -58.82
N ILE A 38 41.52 44.36 -57.86
CA ILE A 38 40.29 43.64 -58.18
C ILE A 38 39.32 44.60 -58.85
N SER A 39 38.82 44.20 -60.01
CA SER A 39 37.91 45.03 -60.80
C SER A 39 36.60 44.27 -61.03
N VAL A 40 35.53 45.05 -61.25
CA VAL A 40 34.28 44.45 -61.67
C VAL A 40 34.53 43.62 -62.92
N GLY A 41 33.95 42.43 -62.95
CA GLY A 41 34.12 41.52 -64.07
C GLY A 41 35.21 40.50 -63.91
N ASP A 42 36.04 40.63 -62.87
CA ASP A 42 37.10 39.65 -62.66
C ASP A 42 36.50 38.28 -62.38
N VAL A 43 37.21 37.24 -62.81
CA VAL A 43 36.73 35.87 -62.67
C VAL A 43 36.86 35.40 -61.22
N VAL A 44 35.84 34.72 -60.74
CA VAL A 44 35.82 34.13 -59.41
C VAL A 44 35.64 32.62 -59.58
N LYS A 45 36.58 31.86 -59.03
CA LYS A 45 36.55 30.41 -59.17
C LYS A 45 36.78 29.69 -57.85
N MET A 46 36.13 28.54 -57.72
CA MET A 46 36.28 27.70 -56.54
C MET A 46 35.98 26.26 -56.92
N THR A 47 36.69 25.33 -56.30
CA THR A 47 36.48 23.90 -56.51
C THR A 47 35.90 23.29 -55.24
N ILE A 48 34.72 22.69 -55.35
CA ILE A 48 34.02 22.12 -54.21
C ILE A 48 33.69 20.68 -54.54
N ASN A 49 34.24 19.75 -53.78
CA ASN A 49 34.03 18.32 -54.01
C ASN A 49 34.39 17.93 -55.45
N ASN A 50 35.47 18.54 -55.96
CA ASN A 50 36.01 18.27 -57.29
C ASN A 50 35.10 18.73 -58.42
N THR A 51 34.17 19.64 -58.14
CA THR A 51 33.42 20.35 -59.17
C THR A 51 33.74 21.83 -59.06
N GLU A 52 34.09 22.46 -60.18
CA GLU A 52 34.41 23.87 -60.18
C GLU A 52 33.15 24.70 -60.38
N TYR A 53 32.98 25.71 -59.54
CA TYR A 53 31.93 26.72 -59.70
C TYR A 53 32.60 28.06 -59.96
N SER A 54 32.04 28.85 -60.87
CA SER A 54 32.64 30.12 -61.23
C SER A 54 31.57 31.19 -61.38
N THR A 55 32.00 32.43 -61.21
CA THR A 55 31.16 33.60 -61.48
C THR A 55 32.12 34.77 -61.72
N THR A 56 31.59 35.99 -61.62
CA THR A 56 32.42 37.18 -61.75
C THR A 56 32.15 38.15 -60.61
N VAL A 57 33.11 39.05 -60.39
CA VAL A 57 32.95 40.12 -59.41
C VAL A 57 31.98 41.16 -59.94
N LYS A 58 30.96 41.47 -59.17
CA LYS A 58 29.97 42.48 -59.53
C LYS A 58 30.31 43.81 -58.87
N ALA A 59 29.56 44.83 -59.23
CA ALA A 59 29.77 46.16 -58.66
C ALA A 59 29.75 46.10 -57.15
N GLY A 60 30.64 46.86 -56.52
CA GLY A 60 30.79 46.80 -55.09
C GLY A 60 31.54 45.60 -54.57
N GLY A 61 32.13 44.80 -55.45
CA GLY A 61 32.90 43.64 -55.04
C GLY A 61 32.09 42.44 -54.64
N ILE A 62 30.79 42.44 -54.93
CA ILE A 62 29.92 41.33 -54.57
C ILE A 62 30.12 40.20 -55.57
N TRP A 63 30.14 38.97 -55.09
CA TRP A 63 30.13 37.79 -55.95
C TRP A 63 29.23 36.73 -55.33
N MET A 64 28.62 35.92 -56.18
CA MET A 64 27.61 34.97 -55.74
C MET A 64 27.55 33.79 -56.70
N ILE A 65 27.42 32.60 -56.15
CA ILE A 65 27.22 31.39 -56.95
C ILE A 65 25.78 30.95 -56.76
N ALA A 66 25.00 30.96 -57.84
CA ALA A 66 23.57 30.74 -57.75
C ALA A 66 23.26 29.44 -57.01
N GLY A 67 23.79 28.32 -57.51
CA GLY A 67 23.40 27.03 -57.01
C GLY A 67 24.50 25.99 -56.88
N VAL A 68 24.94 25.77 -55.65
CA VAL A 68 25.89 24.71 -55.32
C VAL A 68 25.11 23.56 -54.71
N LEU A 69 25.45 22.34 -55.10
CA LEU A 69 24.73 21.19 -54.57
C LEU A 69 25.01 21.01 -53.08
N GLY A 70 23.95 20.79 -52.30
CA GLY A 70 24.14 20.47 -50.90
C GLY A 70 25.00 19.24 -50.69
N SER A 71 24.92 18.28 -51.61
CA SER A 71 25.74 17.08 -51.54
C SER A 71 27.22 17.40 -51.69
N ASP A 72 27.57 18.33 -52.57
CA ASP A 72 28.96 18.76 -52.69
C ASP A 72 29.46 19.40 -51.40
N LEU A 73 28.71 20.37 -50.87
CA LEU A 73 29.12 21.05 -49.65
C LEU A 73 29.13 20.10 -48.45
N ALA A 74 28.30 19.06 -48.46
CA ALA A 74 28.37 18.08 -47.38
C ALA A 74 29.62 17.22 -47.49
N ALA A 75 30.14 17.01 -48.71
CA ALA A 75 31.29 16.16 -48.94
C ALA A 75 32.61 16.92 -48.88
N ASP A 76 32.59 18.25 -48.87
CA ASP A 76 33.81 19.06 -48.89
C ASP A 76 33.59 20.25 -47.96
N SER A 77 34.19 20.22 -46.78
CA SER A 77 33.92 21.21 -45.74
C SER A 77 34.86 22.41 -45.79
N GLU A 78 35.81 22.43 -46.73
CA GLU A 78 36.75 23.54 -46.84
C GLU A 78 37.08 23.75 -48.31
N PHE A 79 37.06 25.01 -48.75
CA PHE A 79 37.45 25.31 -50.12
C PHE A 79 37.98 26.74 -50.19
N ASP A 80 38.82 26.98 -51.18
CA ASP A 80 39.38 28.29 -51.48
C ASP A 80 38.60 28.97 -52.60
N VAL A 81 38.50 30.29 -52.51
CA VAL A 81 37.90 31.12 -53.56
C VAL A 81 39.02 31.99 -54.13
N VAL A 82 39.20 31.89 -55.45
CA VAL A 82 40.30 32.56 -56.15
C VAL A 82 39.73 33.59 -57.11
N VAL A 83 40.24 34.82 -57.02
CA VAL A 83 39.87 35.90 -57.93
C VAL A 83 41.09 36.29 -58.74
N THR A 84 40.95 36.28 -60.07
CA THR A 84 42.03 36.64 -60.98
C THR A 84 41.80 38.06 -61.49
N SER A 85 42.80 38.92 -61.31
CA SER A 85 42.69 40.32 -61.68
C SER A 85 43.97 40.76 -62.39
N SER A 86 43.95 42.00 -62.89
CA SER A 86 45.10 42.61 -63.54
C SER A 86 45.19 44.08 -63.17
N ASP A 87 46.35 44.68 -63.44
CA ASP A 87 46.55 46.11 -63.31
C ASP A 87 46.52 46.77 -64.70
N ALA A 88 46.69 48.09 -64.74
CA ALA A 88 46.69 48.82 -66.00
C ALA A 88 47.57 48.14 -67.03
N ALA A 89 48.82 47.88 -66.67
CA ALA A 89 49.79 47.38 -67.64
C ALA A 89 49.46 45.98 -68.11
N GLY A 90 48.65 45.24 -67.36
CA GLY A 90 48.39 43.85 -67.65
C GLY A 90 49.06 42.86 -66.70
N ASN A 91 49.63 43.32 -65.60
CA ASN A 91 50.24 42.44 -64.62
C ASN A 91 49.15 41.73 -63.83
N LYS A 92 49.19 40.41 -63.82
CA LYS A 92 48.16 39.63 -63.16
C LYS A 92 48.43 39.55 -61.65
N VAL A 93 47.39 39.18 -60.91
CA VAL A 93 47.51 38.86 -59.49
C VAL A 93 46.29 38.01 -59.13
N GLN A 94 46.47 37.13 -58.14
CA GLN A 94 45.40 36.27 -57.66
C GLN A 94 45.14 36.60 -56.20
N SER A 95 43.89 36.95 -55.90
CA SER A 95 43.43 37.20 -54.54
C SER A 95 42.65 36.00 -54.05
N ILE A 96 43.00 35.49 -52.88
CA ILE A 96 42.50 34.19 -52.42
C ILE A 96 41.81 34.34 -51.08
N GLY A 97 40.64 33.75 -50.96
CA GLY A 97 39.97 33.59 -49.69
C GLY A 97 39.66 32.14 -49.43
N THR A 98 39.53 31.79 -48.16
CA THR A 98 39.25 30.42 -47.75
C THR A 98 37.96 30.40 -46.94
N SER A 99 37.18 29.36 -47.15
CA SER A 99 35.91 29.18 -46.43
C SER A 99 35.89 27.79 -45.82
N THR A 100 35.50 27.71 -44.55
CA THR A 100 35.21 26.45 -43.89
C THR A 100 33.77 26.49 -43.42
N HIS A 101 33.16 25.31 -43.32
CA HIS A 101 31.83 25.18 -42.75
C HIS A 101 31.73 23.80 -42.11
N SER A 102 30.70 23.61 -41.30
CA SER A 102 30.46 22.36 -40.60
C SER A 102 29.43 21.52 -41.36
N VAL A 103 29.52 20.21 -41.16
CA VAL A 103 28.59 19.25 -41.76
C VAL A 103 28.03 18.39 -40.64
N ASP A 104 26.70 18.39 -40.51
CA ASP A 104 25.99 17.62 -39.47
C ASP A 104 24.68 17.15 -40.11
N LEU A 105 24.72 15.97 -40.72
CA LEU A 105 23.56 15.41 -41.38
C LEU A 105 22.63 14.66 -40.43
N SER A 106 22.78 14.86 -39.13
CA SER A 106 21.96 14.17 -38.16
C SER A 106 20.66 14.93 -37.88
N ALA A 107 19.67 14.19 -37.42
CA ALA A 107 18.43 14.74 -36.89
C ALA A 107 17.99 13.80 -35.77
N GLU A 108 17.40 14.35 -34.71
CA GLU A 108 16.92 13.52 -33.62
C GLU A 108 15.42 13.63 -33.50
N ALA A 109 14.80 12.56 -32.97
CA ALA A 109 13.38 12.49 -32.73
C ALA A 109 13.17 11.97 -31.32
N ASN A 110 12.52 12.76 -30.47
CA ASN A 110 12.43 12.48 -29.04
C ASN A 110 10.99 12.13 -28.67
N PHE A 111 10.83 11.05 -27.91
CA PHE A 111 9.53 10.54 -27.52
C PHE A 111 9.59 10.16 -26.04
N SER A 112 8.42 10.16 -25.42
CA SER A 112 8.25 9.75 -24.02
C SER A 112 7.03 8.84 -23.97
N LEU A 113 7.25 7.53 -23.86
CA LEU A 113 6.22 6.53 -24.17
C LEU A 113 6.13 5.45 -23.09
N ALA A 114 4.90 5.02 -22.85
CA ALA A 114 4.62 4.07 -21.77
C ALA A 114 5.21 2.69 -22.07
N GLU A 115 5.77 2.08 -21.03
CA GLU A 115 6.38 0.77 -21.19
C GLU A 115 5.33 -0.29 -21.48
N GLY A 116 5.79 -1.38 -22.09
CA GLY A 116 4.94 -2.53 -22.35
C GLY A 116 3.80 -2.27 -23.29
N GLN A 117 3.90 -1.27 -24.16
CA GLN A 117 2.85 -0.95 -25.10
C GLN A 117 3.49 -0.68 -26.45
N GLN A 118 2.68 -0.83 -27.50
CA GLN A 118 3.04 -0.44 -28.85
C GLN A 118 2.58 0.99 -29.10
N HIS A 119 3.42 1.78 -29.78
CA HIS A 119 3.13 3.19 -29.99
C HIS A 119 3.44 3.55 -31.43
N VAL A 120 2.54 4.28 -32.08
CA VAL A 120 2.84 4.90 -33.37
C VAL A 120 3.69 6.13 -33.12
N LEU A 121 4.79 6.27 -33.87
CA LEU A 121 5.68 7.42 -33.72
C LEU A 121 5.19 8.55 -34.62
N THR A 122 4.72 9.63 -34.02
CA THR A 122 4.18 10.77 -34.74
C THR A 122 5.20 11.91 -34.79
N ASN A 123 5.02 12.80 -35.77
CA ASN A 123 5.85 13.99 -35.91
C ASN A 123 7.34 13.63 -35.99
N LEU A 124 7.65 12.57 -36.72
CA LEU A 124 9.04 12.27 -37.02
C LEU A 124 9.67 13.39 -37.84
N PRO A 125 10.98 13.58 -37.74
CA PRO A 125 11.61 14.71 -38.46
C PRO A 125 11.47 14.55 -39.97
N GLU A 126 11.39 15.68 -40.65
CA GLU A 126 11.21 15.67 -42.09
C GLU A 126 12.28 14.82 -42.76
N GLY A 127 11.84 13.93 -43.63
CA GLY A 127 12.75 13.06 -44.34
C GLY A 127 13.08 11.76 -43.63
N PHE A 128 12.53 11.53 -42.45
CA PHE A 128 12.79 10.29 -41.75
C PHE A 128 12.37 9.11 -42.60
N GLY A 129 13.18 8.06 -42.56
CA GLY A 129 12.84 6.84 -43.26
C GLY A 129 13.91 5.79 -42.98
N PHE A 130 13.58 4.57 -43.33
CA PHE A 130 14.51 3.45 -43.24
C PHE A 130 15.22 3.27 -44.57
N PRO A 131 16.50 2.85 -44.57
CA PRO A 131 17.21 2.62 -45.85
C PRO A 131 16.67 1.40 -46.57
N ASP A 132 16.70 1.48 -47.90
CA ASP A 132 16.47 0.34 -48.80
C ASP A 132 15.29 -0.52 -48.39
N GLY A 133 15.53 -1.78 -48.18
CA GLY A 133 14.49 -2.72 -47.80
C GLY A 133 14.31 -2.98 -46.33
N THR A 134 14.89 -2.13 -45.49
CA THR A 134 14.76 -2.25 -44.05
C THR A 134 13.33 -1.94 -43.63
N THR A 135 12.73 -2.83 -42.88
CA THR A 135 11.41 -2.62 -42.31
C THR A 135 11.40 -2.68 -40.78
N GLU A 136 12.56 -2.83 -40.16
CA GLU A 136 12.65 -2.95 -38.71
C GLU A 136 14.06 -2.60 -38.27
N VAL A 137 14.17 -1.79 -37.22
CA VAL A 137 15.45 -1.55 -36.54
C VAL A 137 15.27 -1.94 -35.08
N VAL A 138 16.31 -2.55 -34.51
CA VAL A 138 16.29 -2.97 -33.12
C VAL A 138 16.92 -1.88 -32.26
N THR A 139 16.28 -1.56 -31.14
CA THR A 139 16.76 -0.48 -30.29
C THR A 139 17.83 -0.97 -29.32
N ASN A 140 18.44 -0.02 -28.62
CA ASN A 140 19.48 -0.36 -27.66
CA ASN A 140 19.49 -0.35 -27.66
C ASN A 140 18.98 -1.32 -26.59
N PHE A 141 17.70 -1.23 -26.22
CA PHE A 141 17.15 -2.10 -25.19
C PHE A 141 16.51 -3.36 -25.76
N GLY A 142 16.67 -3.61 -27.07
CA GLY A 142 16.05 -4.76 -27.68
C GLY A 142 14.63 -4.55 -28.13
N GLY A 143 14.12 -3.32 -28.07
CA GLY A 143 12.85 -2.99 -28.68
C GLY A 143 12.99 -2.88 -30.17
N THR A 144 11.86 -2.64 -30.82
CA THR A 144 11.83 -2.59 -32.28
C THR A 144 11.03 -1.38 -32.74
N ILE A 145 11.50 -0.74 -33.79
CA ILE A 145 10.72 0.23 -34.54
C ILE A 145 10.41 -0.42 -35.89
N THR A 146 9.13 -0.66 -36.15
CA THR A 146 8.70 -1.41 -37.32
C THR A 146 7.90 -0.54 -38.27
N LEU A 147 8.28 -0.56 -39.54
CA LEU A 147 7.53 0.12 -40.58
C LEU A 147 6.41 -0.80 -41.07
N GLY A 148 5.17 -0.37 -40.85
CA GLY A 148 4.01 -1.17 -41.20
C GLY A 148 3.49 -0.94 -42.60
N ASP A 149 2.48 -1.76 -42.95
CA ASP A 149 1.85 -1.67 -44.26
C ASP A 149 1.31 -0.27 -44.53
N ASP A 150 0.82 0.40 -43.49
CA ASP A 150 0.18 1.69 -43.63
C ASP A 150 1.16 2.84 -43.63
N GLY A 151 2.46 2.55 -43.71
CA GLY A 151 3.48 3.58 -43.70
C GLY A 151 3.80 4.16 -42.33
N GLU A 152 3.12 3.72 -41.28
CA GLU A 152 3.38 4.22 -39.93
C GLU A 152 4.53 3.45 -39.29
N TYR A 153 5.27 4.14 -38.43
CA TYR A 153 6.37 3.55 -37.67
C TYR A 153 5.90 3.31 -36.25
N ARG A 154 6.05 2.08 -35.77
CA ARG A 154 5.54 1.68 -34.48
C ARG A 154 6.66 1.15 -33.60
N TYR A 155 6.64 1.56 -32.33
CA TYR A 155 7.65 1.21 -31.35
C TYR A 155 7.04 0.31 -30.30
N ASP A 156 7.67 -0.83 -30.06
CA ASP A 156 7.26 -1.78 -29.03
C ASP A 156 8.15 -1.53 -27.83
N ALA A 157 7.62 -0.78 -26.86
CA ALA A 157 8.42 -0.35 -25.71
C ALA A 157 8.57 -1.50 -24.71
N PRO A 158 9.78 -1.94 -24.40
CA PRO A 158 9.94 -3.04 -23.43
C PRO A 158 9.61 -2.56 -22.02
N VAL A 159 9.24 -3.53 -21.18
CA VAL A 159 9.05 -3.26 -19.77
C VAL A 159 10.40 -3.04 -19.12
N ARG A 160 10.48 -2.08 -18.20
CA ARG A 160 11.73 -1.73 -17.56
C ARG A 160 11.57 -1.69 -16.04
N ASP A 161 12.65 -2.04 -15.35
CA ASP A 161 12.77 -1.83 -13.91
C ASP A 161 13.16 -0.38 -13.69
N HIS A 162 12.19 0.46 -13.39
CA HIS A 162 12.41 1.90 -13.27
C HIS A 162 12.98 2.31 -11.93
N GLY A 163 13.33 1.34 -11.07
CA GLY A 163 13.88 1.66 -9.78
C GLY A 163 15.35 1.32 -9.65
N ASP A 164 15.92 0.67 -10.66
CA ASP A 164 17.31 0.23 -10.58
C ASP A 164 18.26 1.31 -11.09
N ALA A 165 19.53 0.95 -11.24
CA ALA A 165 20.58 1.91 -11.54
C ALA A 165 20.84 2.07 -13.04
N VAL A 166 19.97 1.55 -13.90
CA VAL A 166 20.18 1.56 -15.34
C VAL A 166 19.15 2.48 -15.97
N SER A 167 19.63 3.43 -16.77
CA SER A 167 18.73 4.35 -17.46
C SER A 167 17.69 3.58 -18.27
N ASP A 168 16.49 4.15 -18.36
CA ASP A 168 15.41 3.59 -19.15
C ASP A 168 15.09 4.47 -20.36
N LYS A 169 16.08 5.22 -20.84
CA LYS A 169 15.93 5.97 -22.08
C LYS A 169 16.51 5.12 -23.21
N ASP A 170 15.63 4.51 -24.00
CA ASP A 170 16.03 3.72 -25.15
C ASP A 170 16.46 4.64 -26.29
N SER A 171 17.14 4.06 -27.28
N SER A 171 17.14 4.06 -27.28
CA SER A 171 17.59 4.85 -28.42
CA SER A 171 17.59 4.85 -28.41
C SER A 171 18.00 3.93 -29.56
C SER A 171 17.96 3.92 -29.58
N VAL A 172 18.02 4.50 -30.76
CA VAL A 172 18.46 3.80 -31.95
C VAL A 172 18.80 4.86 -32.98
N THR A 173 19.80 4.59 -33.81
CA THR A 173 20.21 5.51 -34.86
C THR A 173 20.01 4.82 -36.21
N VAL A 174 19.25 5.47 -37.09
CA VAL A 174 19.05 5.00 -38.46
C VAL A 174 20.02 5.75 -39.37
N THR A 175 20.72 5.03 -40.24
CA THR A 175 21.69 5.62 -41.16
C THR A 175 21.24 5.38 -42.60
N LEU A 176 21.29 6.43 -43.42
CA LEU A 176 20.94 6.32 -44.82
C LEU A 176 22.17 6.43 -45.70
N GLU A 177 22.02 5.98 -46.95
CA GLU A 177 23.16 5.91 -47.84
C GLU A 177 23.71 7.29 -48.18
N ASP A 178 22.86 8.32 -48.15
CA ASP A 178 23.33 9.66 -48.49
C ASP A 178 24.03 10.34 -47.34
N GLY A 179 24.14 9.68 -46.18
CA GLY A 179 24.88 10.20 -45.05
C GLY A 179 24.01 10.69 -43.92
N ARG A 180 22.72 10.85 -44.14
CA ARG A 180 21.84 11.30 -43.08
C ARG A 180 21.74 10.23 -42.00
N THR A 181 21.62 10.68 -40.75
CA THR A 181 21.34 9.81 -39.62
C THR A 181 20.12 10.37 -38.88
N PHE A 182 19.32 9.47 -38.32
CA PHE A 182 18.17 9.84 -37.51
C PHE A 182 18.28 9.07 -36.20
N THR A 183 18.39 9.80 -35.10
CA THR A 183 18.49 9.20 -33.77
C THR A 183 17.15 9.37 -33.08
N VAL A 184 16.51 8.25 -32.78
CA VAL A 184 15.21 8.23 -32.11
C VAL A 184 15.48 7.95 -30.64
N ASN A 185 15.16 8.91 -29.79
CA ASN A 185 15.32 8.77 -28.35
C ASN A 185 13.95 8.49 -27.76
N LEU A 186 13.85 7.42 -26.97
CA LEU A 186 12.57 6.88 -26.52
C LEU A 186 12.65 6.75 -25.01
N ASP A 187 12.13 7.76 -24.30
CA ASP A 187 12.13 7.73 -22.84
C ASP A 187 10.99 6.85 -22.37
N ILE A 188 11.31 5.64 -21.92
CA ILE A 188 10.28 4.68 -21.54
C ILE A 188 9.71 5.09 -20.20
N GLN A 189 8.39 5.30 -20.15
CA GLN A 189 7.72 5.73 -18.93
C GLN A 189 7.22 4.53 -18.13
N ASP A 190 7.25 4.68 -16.81
CA ASP A 190 6.85 3.61 -15.92
C ASP A 190 5.34 3.43 -15.92
N SER A 191 4.91 2.18 -15.73
CA SER A 191 3.51 1.83 -15.56
C SER A 191 3.26 1.50 -14.10
N ALA A 192 1.99 1.48 -13.72
CA ALA A 192 1.61 1.19 -12.33
C ALA A 192 0.35 0.36 -12.30
N PRO A 193 0.11 -0.36 -11.20
CA PRO A 193 -1.16 -1.06 -11.04
C PRO A 193 -2.26 -0.09 -10.67
N VAL A 194 -3.50 -0.54 -10.83
CA VAL A 194 -4.68 0.21 -10.42
C VAL A 194 -5.50 -0.68 -9.47
N ALA A 195 -5.47 -0.35 -8.19
CA ALA A 195 -6.31 -1.05 -7.23
C ALA A 195 -7.76 -0.62 -7.40
N VAL A 196 -8.68 -1.59 -7.31
CA VAL A 196 -10.11 -1.36 -7.46
C VAL A 196 -10.80 -1.68 -6.15
N ASP A 197 -11.72 -0.81 -5.74
CA ASP A 197 -12.44 -1.00 -4.48
C ASP A 197 -13.15 -2.35 -4.46
N ASP A 198 -13.24 -2.92 -3.25
CA ASP A 198 -13.81 -4.23 -3.05
C ASP A 198 -15.00 -4.15 -2.10
N GLN A 199 -15.96 -5.05 -2.30
CA GLN A 199 -17.17 -5.11 -1.47
C GLN A 199 -17.33 -6.51 -0.92
N ASP A 200 -17.60 -6.60 0.38
CA ASP A 200 -17.94 -7.85 1.04
C ASP A 200 -19.03 -7.56 2.05
N SER A 201 -19.66 -8.61 2.55
CA SER A 201 -20.68 -8.43 3.57
C SER A 201 -20.66 -9.62 4.51
N ILE A 202 -21.16 -9.40 5.72
CA ILE A 202 -21.29 -10.45 6.71
C ILE A 202 -22.50 -10.13 7.56
N VAL A 203 -23.21 -11.19 7.96
CA VAL A 203 -24.43 -11.06 8.76
C VAL A 203 -24.19 -11.78 10.09
N VAL A 204 -24.40 -11.07 11.19
CA VAL A 204 -24.29 -11.64 12.53
C VAL A 204 -25.68 -12.01 13.02
N GLN A 205 -25.85 -13.25 13.48
CA GLN A 205 -27.16 -13.74 13.84
C GLN A 205 -27.59 -13.20 15.20
N HIS A 206 -28.86 -12.85 15.31
CA HIS A 206 -29.47 -12.51 16.58
C HIS A 206 -30.40 -13.64 17.01
N GLU A 207 -30.42 -13.91 18.31
CA GLU A 207 -31.18 -15.05 18.83
C GLU A 207 -31.38 -14.84 20.32
N GLU A 208 -32.63 -14.79 20.75
CA GLU A 208 -32.95 -14.65 22.16
C GLU A 208 -33.14 -16.02 22.80
N PHE A 209 -32.55 -16.20 23.97
CA PHE A 209 -32.72 -17.41 24.77
C PHE A 209 -33.52 -17.07 26.03
N GLU A 210 -34.41 -17.99 26.42
CA GLU A 210 -35.10 -17.90 27.70
C GLU A 210 -34.28 -18.68 28.72
N VAL A 211 -33.91 -18.04 29.82
CA VAL A 211 -33.07 -18.67 30.82
C VAL A 211 -33.66 -18.48 32.21
N SER A 212 -33.42 -19.47 33.07
CA SER A 212 -33.86 -19.42 34.45
C SER A 212 -32.97 -18.45 35.23
N GLU A 213 -33.22 -18.36 36.53
CA GLU A 213 -32.30 -17.66 37.43
C GLU A 213 -30.96 -18.39 37.44
N ILE A 214 -29.92 -17.64 37.79
CA ILE A 214 -28.56 -18.19 37.92
C ILE A 214 -28.32 -18.55 39.36
N ALA A 215 -27.63 -19.67 39.59
CA ALA A 215 -27.12 -20.06 40.90
C ALA A 215 -25.61 -20.27 40.77
N ALA A 216 -24.84 -19.47 41.50
CA ALA A 216 -23.38 -19.54 41.46
C ALA A 216 -22.86 -20.14 42.76
N SER A 217 -22.02 -21.16 42.65
CA SER A 217 -21.52 -21.88 43.81
C SER A 217 -20.01 -22.04 43.72
N TRP A 218 -19.31 -21.63 44.79
CA TRP A 218 -17.91 -22.00 44.97
C TRP A 218 -17.82 -23.48 45.32
N VAL A 219 -17.28 -24.29 44.40
CA VAL A 219 -17.33 -25.73 44.57
C VAL A 219 -16.01 -26.35 44.97
N SER A 220 -14.89 -25.66 44.78
CA SER A 220 -13.61 -26.23 45.18
C SER A 220 -12.54 -25.16 45.19
N TYR A 221 -11.41 -25.50 45.81
CA TYR A 221 -10.30 -24.59 45.97
C TYR A 221 -9.07 -25.41 46.33
N THR A 222 -7.90 -24.81 46.10
CA THR A 222 -6.63 -25.42 46.45
C THR A 222 -5.88 -24.50 47.40
N HIS A 223 -5.30 -25.10 48.44
CA HIS A 223 -4.57 -24.37 49.48
C HIS A 223 -5.49 -23.45 50.26
N GLY A 224 -4.94 -22.68 51.18
CA GLY A 224 -5.72 -21.81 52.03
C GLY A 224 -5.94 -22.39 53.41
N GLU A 225 -6.09 -21.50 54.38
CA GLU A 225 -6.43 -21.86 55.75
C GLU A 225 -7.78 -21.24 56.10
N SER A 226 -8.55 -21.94 56.93
CA SER A 226 -9.82 -21.42 57.44
C SER A 226 -10.74 -21.03 56.28
N VAL A 227 -10.72 -21.84 55.23
CA VAL A 227 -11.51 -21.55 54.04
C VAL A 227 -12.95 -21.91 54.31
N THR A 228 -13.86 -20.97 54.01
CA THR A 228 -15.29 -21.23 54.11
C THR A 228 -16.00 -20.70 52.87
N THR A 229 -17.07 -21.38 52.49
CA THR A 229 -17.96 -20.94 51.42
C THR A 229 -19.36 -20.82 51.98
N PHE A 230 -20.10 -19.81 51.54
CA PHE A 230 -21.41 -19.55 52.13
C PHE A 230 -22.24 -18.66 51.24
N ASP A 231 -23.56 -18.75 51.43
CA ASP A 231 -24.48 -17.79 50.80
C ASP A 231 -24.24 -16.41 51.37
N GLY A 232 -24.19 -15.40 50.51
CA GLY A 232 -23.78 -14.08 50.94
C GLY A 232 -24.75 -13.48 51.94
N THR A 233 -24.22 -12.58 52.78
CA THR A 233 -24.98 -11.88 53.79
C THR A 233 -24.77 -10.37 53.63
N SER A 234 -25.56 -9.60 54.38
CA SER A 234 -25.41 -8.15 54.35
C SER A 234 -24.00 -7.73 54.75
N ASP A 235 -23.44 -8.42 55.74
CA ASP A 235 -22.13 -8.08 56.28
C ASP A 235 -21.02 -8.61 55.38
N LEU A 236 -21.23 -9.79 54.79
CA LEU A 236 -20.19 -10.47 54.02
C LEU A 236 -20.70 -10.76 52.61
N GLY A 237 -20.51 -9.80 51.71
CA GLY A 237 -20.71 -10.00 50.28
C GLY A 237 -21.99 -9.39 49.75
N GLY A 238 -23.01 -9.27 50.58
CA GLY A 238 -24.32 -8.84 50.14
C GLY A 238 -25.19 -10.03 49.76
N VAL A 239 -26.49 -9.78 49.71
CA VAL A 239 -27.47 -10.85 49.60
C VAL A 239 -27.87 -11.07 48.14
N ASP A 240 -28.25 -12.30 47.83
CA ASP A 240 -28.78 -12.66 46.52
C ASP A 240 -30.00 -13.55 46.72
N ASN A 241 -30.69 -13.84 45.63
CA ASN A 241 -32.02 -14.44 45.69
C ASN A 241 -32.00 -15.95 45.83
N ASP A 242 -30.86 -16.57 46.15
CA ASP A 242 -30.78 -18.02 46.22
C ASP A 242 -29.94 -18.44 47.42
N SER A 243 -29.87 -19.74 47.64
CA SER A 243 -29.14 -20.31 48.76
C SER A 243 -27.80 -20.93 48.34
N ALA A 244 -27.45 -20.82 47.06
CA ALA A 244 -26.14 -21.27 46.63
C ALA A 244 -25.06 -20.45 47.31
N LYS A 245 -23.88 -21.06 47.45
N LYS A 245 -23.86 -21.03 47.40
CA LYS A 245 -22.78 -20.44 48.19
CA LYS A 245 -22.78 -20.45 48.19
C LYS A 245 -21.99 -19.56 47.23
C LYS A 245 -21.95 -19.55 47.28
N ASP A 246 -22.33 -18.28 47.20
CA ASP A 246 -21.68 -17.33 46.30
C ASP A 246 -20.46 -16.64 46.91
N GLN A 247 -20.13 -16.91 48.17
CA GLN A 247 -18.98 -16.27 48.82
C GLN A 247 -17.97 -17.33 49.24
N ILE A 248 -16.70 -16.94 49.18
CA ILE A 248 -15.59 -17.76 49.66
C ILE A 248 -14.61 -16.85 50.40
N ARG A 249 -14.12 -17.29 51.55
CA ARG A 249 -13.19 -16.51 52.33
C ARG A 249 -12.08 -17.40 52.85
N TRP A 250 -10.90 -16.81 53.05
CA TRP A 250 -9.75 -17.57 53.50
C TRP A 250 -8.79 -16.68 54.29
N GLY A 251 -7.83 -17.34 54.95
CA GLY A 251 -6.74 -16.66 55.61
C GLY A 251 -6.98 -16.45 57.10
N ASN A 252 -5.87 -16.40 57.85
CA ASN A 252 -5.89 -16.00 59.25
C ASN A 252 -5.77 -14.48 59.29
N PRO A 253 -6.81 -13.75 59.68
CA PRO A 253 -6.76 -12.29 59.55
C PRO A 253 -5.60 -11.71 60.33
N ALA A 254 -4.79 -10.90 59.65
CA ALA A 254 -3.66 -10.24 60.29
C ALA A 254 -3.94 -8.78 60.66
N GLU A 255 -5.13 -8.27 60.31
CA GLU A 255 -5.54 -6.96 60.77
C GLU A 255 -7.00 -6.95 61.18
N SER A 256 -7.88 -7.46 60.31
CA SER A 256 -9.31 -7.41 60.59
C SER A 256 -10.01 -8.66 60.09
N LYS A 257 -10.26 -8.75 58.79
CA LYS A 257 -11.14 -9.79 58.26
C LYS A 257 -10.39 -10.67 57.27
N GLN A 258 -11.09 -11.67 56.74
CA GLN A 258 -10.53 -12.60 55.78
C GLN A 258 -10.63 -12.04 54.37
N SER A 259 -9.65 -12.37 53.54
CA SER A 259 -9.73 -12.11 52.11
C SER A 259 -10.68 -13.12 51.46
N GLY A 260 -11.11 -12.82 50.24
CA GLY A 260 -11.87 -13.79 49.49
C GLY A 260 -12.53 -13.19 48.27
N TYR A 261 -13.48 -13.94 47.74
CA TYR A 261 -14.24 -13.54 46.58
C TYR A 261 -15.73 -13.57 46.90
N GLY A 262 -16.48 -12.71 46.21
CA GLY A 262 -17.93 -12.77 46.23
C GLY A 262 -18.49 -12.56 44.84
N PHE A 263 -19.56 -13.28 44.50
CA PHE A 263 -20.20 -13.18 43.19
C PHE A 263 -21.69 -13.00 43.36
N ILE A 264 -22.21 -11.85 42.93
CA ILE A 264 -23.63 -11.52 43.03
C ILE A 264 -24.20 -11.59 41.62
N ASP A 265 -25.09 -12.56 41.40
CA ASP A 265 -25.58 -12.83 40.06
C ASP A 265 -26.34 -11.62 39.49
N ASN A 266 -26.59 -11.68 38.19
CA ASN A 266 -27.28 -10.62 37.46
C ASN A 266 -28.74 -10.98 37.15
N ASP A 267 -29.37 -11.77 38.03
CA ASP A 267 -30.70 -12.29 37.74
C ASP A 267 -31.69 -11.17 37.44
N SER A 268 -31.69 -10.12 38.26
CA SER A 268 -32.72 -9.08 38.11
C SER A 268 -32.57 -8.31 36.80
N ASN A 269 -31.33 -7.95 36.43
CA ASN A 269 -31.14 -7.18 35.21
C ASN A 269 -31.34 -8.02 33.95
N LEU A 270 -31.02 -9.32 34.02
CA LEU A 270 -31.12 -10.15 32.83
C LEU A 270 -32.58 -10.39 32.45
N GLU A 271 -33.48 -10.37 33.43
CA GLU A 271 -34.91 -10.57 33.19
C GLU A 271 -35.16 -11.88 32.44
N GLY A 272 -34.39 -12.90 32.79
CA GLY A 272 -34.63 -14.23 32.28
C GLY A 272 -34.41 -14.46 30.80
N ARG A 273 -33.41 -13.80 30.21
CA ARG A 273 -33.14 -14.04 28.80
C ARG A 273 -31.69 -13.68 28.47
N PHE A 274 -31.07 -14.51 27.63
CA PHE A 274 -29.77 -14.25 27.04
C PHE A 274 -29.95 -13.83 25.58
N ASP A 275 -28.89 -13.29 25.00
CA ASP A 275 -28.84 -12.99 23.57
C ASP A 275 -27.59 -13.62 22.97
N LEU A 276 -27.72 -14.11 21.73
CA LEU A 276 -26.59 -14.69 21.03
C LEU A 276 -25.64 -13.59 20.56
N ASN A 277 -24.36 -13.93 20.47
CA ASN A 277 -23.33 -13.04 19.93
C ASN A 277 -23.35 -11.69 20.64
N GLN A 278 -23.45 -11.74 21.97
CA GLN A 278 -23.62 -10.54 22.77
C GLN A 278 -22.87 -10.70 24.09
N ASP A 279 -21.95 -9.78 24.36
CA ASP A 279 -21.32 -9.77 25.67
C ASP A 279 -22.41 -9.61 26.73
N ILE A 280 -22.40 -10.50 27.71
CA ILE A 280 -23.42 -10.54 28.76
C ILE A 280 -22.72 -10.63 30.10
N SER A 281 -23.21 -9.87 31.08
CA SER A 281 -22.74 -10.00 32.45
C SER A 281 -23.63 -11.00 33.18
N VAL A 282 -23.03 -12.08 33.69
CA VAL A 282 -23.80 -13.03 34.50
C VAL A 282 -23.77 -12.67 35.98
N GLY A 283 -22.99 -11.66 36.36
CA GLY A 283 -23.00 -11.19 37.73
C GLY A 283 -21.78 -10.33 38.03
N THR A 284 -21.73 -9.85 39.27
CA THR A 284 -20.68 -8.95 39.72
C THR A 284 -19.71 -9.69 40.61
N PHE A 285 -18.44 -9.70 40.23
CA PHE A 285 -17.39 -10.41 40.96
C PHE A 285 -16.62 -9.37 41.77
N THR A 286 -16.51 -9.61 43.08
CA THR A 286 -15.81 -8.70 43.96
C THR A 286 -14.65 -9.46 44.59
N HIS A 287 -13.46 -8.86 44.56
CA HIS A 287 -12.27 -9.40 45.19
C HIS A 287 -12.03 -8.60 46.47
N TYR A 288 -12.20 -9.27 47.62
CA TYR A 288 -11.99 -8.66 48.93
C TYR A 288 -10.56 -8.97 49.35
N ASN A 289 -9.69 -7.95 49.39
CA ASN A 289 -8.29 -8.16 49.75
C ASN A 289 -8.03 -7.57 51.13
N TYR A 290 -7.83 -8.43 52.11
CA TYR A 290 -7.37 -8.06 53.44
C TYR A 290 -5.96 -8.56 53.67
N PRO A 291 -5.27 -8.05 54.69
CA PRO A 291 -3.99 -8.63 55.11
C PRO A 291 -4.22 -9.93 55.88
N VAL A 292 -3.63 -11.03 55.39
CA VAL A 292 -3.70 -12.32 56.06
C VAL A 292 -2.27 -12.81 56.22
N TYR A 293 -2.06 -13.64 57.25
CA TYR A 293 -0.73 -14.15 57.54
C TYR A 293 -0.26 -15.05 56.41
N SER A 294 1.06 -15.14 56.26
CA SER A 294 1.64 -15.76 55.08
C SER A 294 1.20 -17.22 54.96
N GLY A 295 0.95 -17.62 53.72
CA GLY A 295 0.63 -18.99 53.39
C GLY A 295 -0.80 -19.41 53.64
N GLY A 296 -1.66 -18.51 54.11
CA GLY A 296 -3.04 -18.86 54.42
C GLY A 296 -4.03 -18.65 53.31
N ALA A 297 -3.58 -18.27 52.11
CA ALA A 297 -4.49 -17.96 51.01
C ALA A 297 -4.57 -19.11 50.01
N ILE A 298 -5.71 -19.18 49.31
CA ILE A 298 -5.84 -20.13 48.21
C ILE A 298 -4.88 -19.75 47.09
N THR A 299 -4.61 -20.72 46.20
CA THR A 299 -3.98 -20.45 44.93
C THR A 299 -4.92 -20.58 43.75
N SER A 300 -6.05 -21.26 43.92
CA SER A 300 -7.08 -21.31 42.87
C SER A 300 -8.39 -21.69 43.52
N ALA A 301 -9.48 -21.31 42.85
CA ALA A 301 -10.82 -21.67 43.29
C ALA A 301 -11.72 -21.75 42.07
N GLU A 302 -12.73 -22.61 42.16
CA GLU A 302 -13.63 -22.87 41.05
C GLU A 302 -15.06 -22.57 41.47
N MET A 303 -15.80 -21.92 40.58
CA MET A 303 -17.20 -21.53 40.82
C MET A 303 -18.07 -22.06 39.69
N SER A 304 -19.12 -22.80 40.05
CA SER A 304 -20.07 -23.31 39.07
CA SER A 304 -20.07 -23.31 39.07
C SER A 304 -21.19 -22.29 38.87
N VAL A 305 -21.43 -21.91 37.62
CA VAL A 305 -22.47 -20.96 37.27
C VAL A 305 -23.56 -21.76 36.56
N GLU A 306 -24.65 -22.03 37.28
CA GLU A 306 -25.66 -22.96 36.83
C GLU A 306 -26.93 -22.21 36.42
N PHE A 307 -27.55 -22.66 35.34
CA PHE A 307 -28.78 -22.07 34.85
C PHE A 307 -29.39 -23.05 33.87
N SER A 308 -30.70 -22.90 33.63
CA SER A 308 -31.43 -23.71 32.66
C SER A 308 -31.84 -22.85 31.47
N VAL A 309 -31.83 -23.46 30.29
CA VAL A 309 -32.29 -22.85 29.05
C VAL A 309 -33.57 -23.58 28.63
N LEU A 310 -34.60 -22.82 28.31
CA LEU A 310 -35.92 -23.34 27.97
C LEU A 310 -36.17 -23.15 26.48
N ASP A 311 -36.69 -24.19 25.83
CA ASP A 311 -36.98 -24.12 24.40
C ASP A 311 -38.46 -23.82 24.18
N HIS A 312 -38.86 -23.75 22.91
CA HIS A 312 -40.23 -23.40 22.56
C HIS A 312 -41.20 -24.56 22.77
N LEU A 313 -40.71 -25.75 23.07
CA LEU A 313 -41.58 -26.85 23.48
C LEU A 313 -41.82 -26.86 24.98
N GLY A 314 -41.13 -26.01 25.73
CA GLY A 314 -41.23 -26.03 27.18
C GLY A 314 -40.24 -26.93 27.87
N VAL A 315 -39.26 -27.47 27.14
CA VAL A 315 -38.27 -28.38 27.70
C VAL A 315 -37.08 -27.58 28.19
N SER A 316 -36.60 -27.91 29.38
CA SER A 316 -35.53 -27.18 30.04
C SER A 316 -34.25 -28.00 29.98
N THR A 317 -33.15 -27.34 29.59
CA THR A 317 -31.84 -27.96 29.51
C THR A 317 -30.94 -27.38 30.58
N PRO A 318 -30.44 -28.16 31.54
CA PRO A 318 -29.56 -27.59 32.56
C PRO A 318 -28.16 -27.36 32.01
N VAL A 319 -27.57 -26.24 32.41
CA VAL A 319 -26.24 -25.85 31.96
C VAL A 319 -25.41 -25.46 33.16
N THR A 320 -24.15 -25.89 33.18
CA THR A 320 -23.21 -25.56 34.25
C THR A 320 -21.92 -25.05 33.64
N LEU A 321 -21.65 -23.77 33.80
CA LEU A 321 -20.39 -23.19 33.35
C LEU A 321 -19.43 -23.15 34.54
N THR A 322 -18.30 -23.83 34.42
CA THR A 322 -17.30 -23.85 35.49
C THR A 322 -16.29 -22.74 35.24
N VAL A 323 -16.11 -21.87 36.23
CA VAL A 323 -15.23 -20.71 36.12
C VAL A 323 -14.07 -20.93 37.09
N ASN A 324 -12.85 -20.96 36.55
CA ASN A 324 -11.66 -21.21 37.35
CA ASN A 324 -11.65 -21.22 37.33
C ASN A 324 -10.89 -19.91 37.54
N PHE A 325 -10.50 -19.65 38.77
CA PHE A 325 -9.78 -18.44 39.15
C PHE A 325 -8.43 -18.82 39.74
N ASP A 326 -7.37 -18.21 39.25
CA ASP A 326 -6.05 -18.32 39.85
C ASP A 326 -5.83 -17.13 40.76
N HIS A 327 -5.36 -17.37 41.98
CA HIS A 327 -5.22 -16.35 42.99
C HIS A 327 -3.77 -16.22 43.44
N ASN A 328 -3.33 -14.98 43.62
CA ASN A 328 -1.99 -14.69 44.14
C ASN A 328 -2.11 -13.65 45.25
N GLU A 329 -2.16 -14.12 46.50
CA GLU A 329 -2.08 -13.30 47.71
C GLU A 329 -0.61 -12.97 47.93
N THR A 330 -0.19 -11.80 47.50
CA THR A 330 1.23 -11.49 47.38
C THR A 330 1.80 -10.98 48.71
N PRO A 331 3.10 -11.18 48.93
CA PRO A 331 3.73 -10.61 50.13
C PRO A 331 3.51 -9.11 50.21
N ASN A 332 3.20 -8.63 51.42
CA ASN A 332 2.93 -7.21 51.63
C ASN A 332 4.19 -6.49 52.05
N THR A 333 4.51 -5.41 51.34
CA THR A 333 5.65 -4.57 51.65
C THR A 333 5.21 -3.12 51.81
N ASN A 334 6.17 -2.19 51.85
CA ASN A 334 5.81 -0.77 51.79
C ASN A 334 5.42 -0.33 50.38
N ASP A 335 5.57 -1.20 49.39
CA ASP A 335 5.20 -0.92 48.00
C ASP A 335 3.76 -1.36 47.80
N VAL A 336 2.84 -0.39 47.65
CA VAL A 336 1.42 -0.72 47.56
C VAL A 336 1.12 -1.47 46.27
N ASN A 337 1.66 -1.00 45.16
CA ASN A 337 1.38 -1.65 43.88
C ASN A 337 1.92 -3.07 43.86
N ALA A 338 3.12 -3.28 44.39
CA ALA A 338 3.69 -4.62 44.46
C ALA A 338 2.92 -5.50 45.44
N SER A 339 2.37 -4.91 46.50
CA SER A 339 1.62 -5.66 47.51
C SER A 339 0.23 -6.05 47.04
N ARG A 340 -0.24 -5.54 45.91
CA ARG A 340 -1.56 -5.89 45.43
C ARG A 340 -1.70 -7.40 45.25
N ASP A 341 -2.94 -7.88 45.42
CA ASP A 341 -3.30 -9.26 45.18
C ASP A 341 -3.93 -9.39 43.81
N ILE A 342 -3.68 -10.51 43.14
CA ILE A 342 -3.93 -10.67 41.72
C ILE A 342 -4.88 -11.84 41.51
N VAL A 343 -5.95 -11.60 40.77
CA VAL A 343 -6.90 -12.64 40.37
C VAL A 343 -6.84 -12.78 38.85
N THR A 344 -6.70 -14.02 38.38
CA THR A 344 -6.70 -14.31 36.95
C THR A 344 -7.81 -15.33 36.66
N VAL A 345 -8.72 -14.99 35.76
CA VAL A 345 -9.81 -15.87 35.37
C VAL A 345 -9.43 -16.58 34.09
N GLN A 346 -9.73 -17.87 34.04
CA GLN A 346 -9.40 -18.69 32.89
C GLN A 346 -10.50 -18.62 31.82
N ASN A 347 -10.09 -18.73 30.56
CA ASN A 347 -11.02 -18.66 29.43
C ASN A 347 -11.61 -20.05 29.15
N THR A 348 -12.53 -20.44 30.01
CA THR A 348 -13.21 -21.73 29.87
C THR A 348 -14.53 -21.54 29.11
N HIS A 349 -15.15 -22.66 28.77
CA HIS A 349 -16.44 -22.64 28.09
C HIS A 349 -17.21 -23.90 28.44
N VAL A 350 -18.50 -23.89 28.10
CA VAL A 350 -19.35 -25.07 28.18
C VAL A 350 -20.32 -25.06 27.01
N THR A 351 -20.56 -26.23 26.42
N THR A 351 -20.53 -26.24 26.43
CA THR A 351 -21.45 -26.38 25.28
CA THR A 351 -21.45 -26.44 25.32
C THR A 351 -22.74 -27.07 25.69
C THR A 351 -22.79 -26.94 25.85
N PHE A 352 -23.86 -26.63 25.11
CA PHE A 352 -25.17 -27.19 25.41
C PHE A 352 -26.00 -27.21 24.14
N GLU A 353 -27.05 -28.01 24.17
CA GLU A 353 -27.90 -28.25 23.01
C GLU A 353 -29.29 -27.65 23.26
N ARG A 354 -29.81 -26.94 22.27
CA ARG A 354 -31.20 -26.48 22.30
C ARG A 354 -31.81 -26.64 20.93
N ASP A 355 -32.92 -27.37 20.85
CA ASP A 355 -33.68 -27.51 19.61
C ASP A 355 -32.81 -28.00 18.46
N GLY A 356 -31.96 -28.98 18.74
CA GLY A 356 -31.14 -29.60 17.73
C GLY A 356 -29.91 -28.83 17.32
N ASP A 357 -29.68 -27.65 17.87
CA ASP A 357 -28.48 -26.88 17.62
C ASP A 357 -27.68 -26.79 18.91
N ILE A 358 -26.35 -26.74 18.78
CA ILE A 358 -25.48 -26.61 19.94
C ILE A 358 -25.02 -25.16 20.04
N TYR A 359 -24.80 -24.71 21.28
CA TYR A 359 -24.35 -23.37 21.58
C TYR A 359 -23.26 -23.46 22.64
N THR A 360 -22.35 -22.49 22.62
CA THR A 360 -21.19 -22.49 23.50
C THR A 360 -21.17 -21.21 24.30
N VAL A 361 -21.19 -21.34 25.63
CA VAL A 361 -21.04 -20.23 26.56
C VAL A 361 -19.57 -20.09 26.91
N GLN A 362 -19.00 -18.93 26.64
CA GLN A 362 -17.57 -18.70 26.79
C GLN A 362 -17.33 -17.57 27.77
N ILE A 363 -16.35 -17.77 28.65
CA ILE A 363 -15.91 -16.70 29.54
C ILE A 363 -15.11 -15.69 28.72
N VAL A 364 -15.46 -14.41 28.87
CA VAL A 364 -14.73 -13.34 28.18
C VAL A 364 -13.73 -12.76 29.16
N GLY A 365 -14.22 -12.30 30.31
CA GLY A 365 -13.34 -11.82 31.37
C GLY A 365 -14.03 -10.78 32.23
N PHE A 366 -13.20 -9.97 32.89
CA PHE A 366 -13.68 -8.94 33.81
C PHE A 366 -13.88 -7.61 33.10
N ARG A 367 -14.97 -6.93 33.44
CA ARG A 367 -15.25 -5.60 32.91
C ARG A 367 -15.68 -4.69 34.05
N GLU A 368 -15.22 -3.43 33.98
CA GLU A 368 -15.54 -2.48 35.05
C GLU A 368 -17.03 -2.23 35.12
N VAL A 369 -17.55 -2.13 36.36
CA VAL A 369 -18.99 -1.94 36.54
C VAL A 369 -19.41 -0.61 35.94
N GLY A 370 -20.63 -0.57 35.41
CA GLY A 370 -21.15 0.64 34.79
C GLY A 370 -20.53 0.99 33.46
N ASN A 371 -19.58 0.20 32.95
CA ASN A 371 -18.95 0.48 31.67
C ASN A 371 -19.22 -0.66 30.68
N PRO A 372 -20.43 -0.72 30.11
CA PRO A 372 -20.73 -1.76 29.11
C PRO A 372 -19.71 -1.84 27.99
N ASP A 373 -19.08 -0.72 27.61
CA ASP A 373 -18.14 -0.69 26.49
C ASP A 373 -16.69 -0.62 26.93
N GLY A 374 -16.40 -0.87 28.20
CA GLY A 374 -15.03 -0.80 28.67
C GLY A 374 -14.20 -2.00 28.27
N GLU A 375 -12.90 -1.88 28.52
CA GLU A 375 -11.98 -2.98 28.23
C GLU A 375 -12.32 -4.18 29.11
N VAL A 376 -12.22 -5.38 28.54
CA VAL A 376 -12.37 -6.62 29.29
C VAL A 376 -10.98 -7.19 29.49
N VAL A 377 -10.69 -7.60 30.73
CA VAL A 377 -9.37 -8.11 31.09
C VAL A 377 -9.56 -9.47 31.77
N THR A 378 -8.46 -10.23 31.83
CA THR A 378 -8.49 -11.53 32.52
C THR A 378 -7.76 -11.53 33.85
N SER A 379 -6.96 -10.49 34.15
CA SER A 379 -6.28 -10.37 35.43
C SER A 379 -6.64 -9.02 36.04
N ILE A 380 -6.96 -9.02 37.34
CA ILE A 380 -7.31 -7.81 38.07
C ILE A 380 -6.41 -7.69 39.30
N TYR A 381 -6.21 -6.45 39.74
CA TYR A 381 -5.27 -6.13 40.81
C TYR A 381 -6.01 -5.33 41.86
N THR A 382 -5.86 -5.74 43.13
CA THR A 382 -6.57 -5.12 44.24
C THR A 382 -5.60 -4.81 45.37
N ASN A 383 -5.63 -3.55 45.83
CA ASN A 383 -4.77 -3.14 46.93
C ASN A 383 -5.14 -3.89 48.19
N GLU A 384 -4.16 -4.02 49.10
CA GLU A 384 -4.46 -4.48 50.44
C GLU A 384 -5.46 -3.50 51.07
N ASN A 385 -6.39 -4.05 51.86
CA ASN A 385 -7.41 -3.26 52.55
C ASN A 385 -8.31 -2.53 51.56
N ALA A 386 -8.68 -3.22 50.48
CA ALA A 386 -9.62 -2.69 49.51
C ALA A 386 -10.35 -3.86 48.86
N ALA A 387 -11.44 -3.56 48.18
CA ALA A 387 -12.14 -4.52 47.34
C ALA A 387 -12.42 -3.87 45.98
N THR A 388 -12.21 -4.64 44.92
CA THR A 388 -12.55 -4.21 43.57
C THR A 388 -13.70 -5.06 43.06
N SER A 389 -14.50 -4.50 42.17
CA SER A 389 -15.66 -5.19 41.62
C SER A 389 -15.65 -5.12 40.10
N TYR A 390 -16.11 -6.19 39.46
CA TYR A 390 -16.10 -6.31 38.01
C TYR A 390 -17.28 -7.16 37.57
N GLU A 391 -17.88 -6.80 36.44
N GLU A 391 -17.88 -6.80 36.44
CA GLU A 391 -18.84 -7.70 35.82
CA GLU A 391 -18.83 -7.69 35.80
C GLU A 391 -18.10 -8.89 35.21
C GLU A 391 -18.09 -8.88 35.20
N LEU A 392 -18.66 -10.07 35.40
CA LEU A 392 -18.12 -11.28 34.79
C LEU A 392 -18.85 -11.48 33.47
N VAL A 393 -18.14 -11.27 32.36
CA VAL A 393 -18.76 -11.20 31.04
C VAL A 393 -18.58 -12.54 30.35
N VAL A 394 -19.66 -13.03 29.76
CA VAL A 394 -19.63 -14.21 28.90
C VAL A 394 -20.24 -13.84 27.56
N ARG A 395 -20.04 -14.71 26.59
CA ARG A 395 -20.74 -14.61 25.32
C ARG A 395 -21.21 -15.99 24.92
N VAL A 396 -22.41 -16.05 24.34
CA VAL A 396 -23.00 -17.28 23.83
C VAL A 396 -22.95 -17.23 22.30
N VAL A 397 -22.45 -18.30 21.68
CA VAL A 397 -22.32 -18.36 20.24
C VAL A 397 -22.84 -19.69 19.72
N GLU A 398 -23.30 -19.67 18.47
CA GLU A 398 -23.72 -20.89 17.81
C GLU A 398 -22.49 -21.73 17.52
N GLY A 399 -22.61 -23.03 17.73
CA GLY A 399 -21.54 -23.96 17.41
C GLY A 399 -20.69 -24.36 18.59
N ASP A 400 -19.50 -24.88 18.27
CA ASP A 400 -18.52 -25.30 19.25
C ASP A 400 -17.62 -24.15 19.70
N GLY A 401 -17.87 -22.93 19.25
CA GLY A 401 -17.12 -21.78 19.67
C GLY A 401 -15.65 -21.81 19.29
N TYR A 402 -15.30 -22.48 18.20
CA TYR A 402 -13.92 -22.48 17.74
C TYR A 402 -13.53 -21.24 16.91
N SER A 403 -14.50 -20.43 16.47
CA SER A 403 -14.25 -19.29 15.58
C SER A 403 -15.47 -18.37 15.58
N LEU A 404 -15.21 -17.08 15.42
CA LEU A 404 -16.23 -16.05 15.39
C LEU A 404 -16.82 -15.93 13.99
N PRO A 405 -17.93 -15.21 13.85
CA PRO A 405 -18.47 -14.96 12.50
C PRO A 405 -17.44 -14.28 11.61
N SER A 406 -17.28 -14.82 10.42
CA SER A 406 -16.27 -14.25 9.53
C SER A 406 -16.62 -14.43 8.06
N THR A 407 -15.89 -13.66 7.25
CA THR A 407 -15.98 -13.70 5.79
C THR A 407 -14.58 -13.53 5.22
N GLU A 408 -14.35 -14.09 4.04
CA GLU A 408 -13.03 -14.06 3.45
C GLU A 408 -13.12 -13.81 1.96
N GLY A 409 -11.98 -13.48 1.37
CA GLY A 409 -11.92 -13.17 -0.05
C GLY A 409 -10.51 -12.85 -0.45
N ASN A 410 -10.38 -12.18 -1.59
CA ASN A 410 -9.09 -11.75 -2.09
C ASN A 410 -9.29 -10.42 -2.80
N ILE A 411 -8.52 -9.41 -2.41
CA ILE A 411 -8.75 -8.07 -2.97
C ILE A 411 -8.33 -7.97 -4.42
N PHE A 412 -7.66 -8.98 -4.98
CA PHE A 412 -7.31 -8.96 -6.39
C PHE A 412 -8.44 -9.46 -7.28
N ASP A 413 -9.41 -10.16 -6.72
CA ASP A 413 -10.54 -10.67 -7.47
C ASP A 413 -11.50 -9.53 -7.79
N ASP A 414 -12.42 -9.80 -8.71
CA ASP A 414 -13.55 -8.91 -8.96
C ASP A 414 -14.53 -9.03 -7.80
N ASN A 415 -14.56 -8.02 -6.94
CA ASN A 415 -15.45 -8.00 -5.79
C ASN A 415 -16.51 -6.91 -5.91
N GLY A 416 -17.07 -6.76 -7.11
CA GLY A 416 -18.17 -5.84 -7.34
C GLY A 416 -17.85 -4.75 -8.33
N LEU A 417 -16.58 -4.39 -8.51
CA LEU A 417 -16.22 -3.29 -9.39
C LEU A 417 -15.08 -3.65 -10.33
N GLY A 418 -14.73 -4.92 -10.44
CA GLY A 418 -13.65 -5.34 -11.30
C GLY A 418 -12.40 -5.69 -10.53
N ALA A 419 -11.56 -6.51 -11.15
CA ALA A 419 -10.32 -6.96 -10.53
C ALA A 419 -9.25 -5.88 -10.65
N ASP A 420 -8.44 -5.76 -9.60
CA ASP A 420 -7.28 -4.88 -9.67
C ASP A 420 -6.51 -5.08 -10.97
N SER A 421 -6.11 -3.97 -11.58
CA SER A 421 -5.21 -4.00 -12.73
C SER A 421 -3.77 -4.02 -12.23
N LEU A 422 -2.96 -4.92 -12.77
CA LEU A 422 -1.63 -5.16 -12.20
C LEU A 422 -0.52 -4.34 -12.83
N GLY A 423 -0.72 -3.81 -14.04
CA GLY A 423 0.32 -3.05 -14.71
C GLY A 423 1.33 -3.94 -15.43
N ALA A 424 2.17 -3.30 -16.23
CA ALA A 424 3.12 -4.04 -17.05
C ALA A 424 4.29 -4.59 -16.27
N ASP A 425 4.58 -4.07 -15.07
CA ASP A 425 5.73 -4.53 -14.32
C ASP A 425 5.47 -5.85 -13.61
N GLY A 426 4.25 -6.07 -13.13
CA GLY A 426 3.97 -7.29 -12.39
C GLY A 426 4.61 -7.31 -11.01
N SER A 427 4.78 -8.52 -10.49
CA SER A 427 5.27 -8.75 -9.12
C SER A 427 4.53 -7.85 -8.13
N VAL A 428 3.21 -7.84 -8.24
CA VAL A 428 2.37 -7.00 -7.40
C VAL A 428 1.99 -7.76 -6.13
N THR A 429 2.19 -7.12 -4.98
CA THR A 429 1.80 -7.65 -3.70
C THR A 429 1.15 -6.53 -2.90
N VAL A 430 0.41 -6.92 -1.86
CA VAL A 430 -0.09 -5.98 -0.88
C VAL A 430 1.03 -5.65 0.08
N VAL A 431 1.33 -4.36 0.23
CA VAL A 431 2.41 -3.89 1.09
C VAL A 431 1.92 -3.03 2.25
N GLY A 432 0.63 -2.71 2.30
CA GLY A 432 0.11 -1.94 3.41
C GLY A 432 -1.37 -2.13 3.56
N VAL A 433 -1.84 -2.08 4.81
CA VAL A 433 -3.27 -2.18 5.09
C VAL A 433 -3.56 -1.46 6.39
N ALA A 434 -4.69 -0.75 6.45
CA ALA A 434 -5.05 -0.03 7.64
C ALA A 434 -6.54 0.27 7.63
N VAL A 435 -7.13 0.33 8.83
CA VAL A 435 -8.54 0.73 8.93
C VAL A 435 -8.63 2.21 8.61
N GLY A 436 -9.73 2.61 7.99
CA GLY A 436 -9.91 3.96 7.54
C GLY A 436 -9.60 4.14 6.06
N ALA A 437 -9.38 5.40 5.70
CA ALA A 437 -9.24 5.78 4.29
C ALA A 437 -7.81 6.06 3.87
N ILE A 438 -6.86 6.06 4.80
CA ILE A 438 -5.47 6.39 4.50
C ILE A 438 -4.63 5.15 4.75
N VAL A 439 -3.74 4.83 3.81
CA VAL A 439 -2.84 3.70 3.98
C VAL A 439 -1.50 3.99 3.32
N SER A 440 -0.44 3.43 3.89
N SER A 440 -0.44 3.47 3.93
CA SER A 440 0.89 3.46 3.28
CA SER A 440 0.91 3.55 3.40
C SER A 440 1.56 2.12 3.53
C SER A 440 1.52 2.16 3.53
N SER A 441 2.66 1.88 2.81
N SER A 441 2.62 1.94 2.82
CA SER A 441 3.46 0.68 3.05
CA SER A 441 3.39 0.74 3.07
C SER A 441 3.78 0.59 4.53
C SER A 441 3.66 0.66 4.58
N ASN A 442 3.26 -0.44 5.21
CA ASN A 442 3.38 -0.53 6.66
C ASN A 442 3.65 -1.98 7.06
N GLU A 443 3.54 -2.23 8.36
CA GLU A 443 3.90 -3.53 8.94
C GLU A 443 2.68 -4.28 9.44
N SER A 444 1.54 -4.07 8.78
CA SER A 444 0.29 -4.73 9.15
C SER A 444 -0.14 -5.80 8.17
N VAL A 445 0.49 -5.91 7.00
CA VAL A 445 0.14 -6.99 6.09
C VAL A 445 0.48 -8.33 6.75
N GLY A 446 -0.45 -9.28 6.67
CA GLY A 446 -0.25 -10.56 7.30
C GLY A 446 -0.41 -10.55 8.81
N HIS A 447 -0.83 -9.42 9.37
CA HIS A 447 -1.11 -9.29 10.79
C HIS A 447 -2.60 -9.09 10.99
N SER A 448 -3.08 -9.46 12.17
CA SER A 448 -4.43 -9.10 12.58
C SER A 448 -4.46 -7.64 12.97
N ILE A 449 -5.41 -6.89 12.42
CA ILE A 449 -5.58 -5.49 12.79
C ILE A 449 -7.05 -5.29 13.15
N GLU A 450 -7.27 -4.27 13.98
CA GLU A 450 -8.55 -4.04 14.64
C GLU A 450 -9.34 -2.97 13.90
N GLY A 451 -10.54 -3.33 13.45
CA GLY A 451 -11.44 -2.40 12.83
C GLY A 451 -12.47 -1.84 13.79
N GLN A 452 -13.58 -1.36 13.23
N GLN A 452 -13.58 -1.37 13.22
CA GLN A 452 -14.63 -0.83 14.07
CA GLN A 452 -14.64 -0.82 14.05
C GLN A 452 -15.43 -1.93 14.75
C GLN A 452 -15.43 -1.93 14.74
N TYR A 453 -15.73 -3.00 14.00
CA TYR A 453 -16.56 -4.09 14.52
C TYR A 453 -15.87 -5.43 14.52
N GLY A 454 -14.64 -5.51 14.03
CA GLY A 454 -13.97 -6.80 13.93
C GLY A 454 -12.51 -6.62 13.61
N ASN A 455 -11.85 -7.74 13.33
CA ASN A 455 -10.44 -7.79 13.02
C ASN A 455 -10.24 -8.30 11.61
N LEU A 456 -9.17 -7.84 10.97
CA LEU A 456 -8.83 -8.23 9.60
C LEU A 456 -7.41 -8.76 9.53
N VAL A 457 -7.21 -9.80 8.74
CA VAL A 457 -5.88 -10.28 8.39
C VAL A 457 -5.85 -10.28 6.87
N LEU A 458 -5.19 -9.27 6.27
CA LEU A 458 -4.98 -9.18 4.83
C LEU A 458 -3.52 -9.55 4.55
N ASN A 459 -3.31 -10.52 3.69
CA ASN A 459 -1.99 -11.02 3.38
C ASN A 459 -1.46 -10.40 2.08
N SER A 460 -0.17 -10.61 1.84
CA SER A 460 0.49 -9.96 0.70
C SER A 460 -0.04 -10.47 -0.63
N ASP A 461 -0.63 -11.66 -0.67
CA ASP A 461 -1.20 -12.21 -1.89
C ASP A 461 -2.65 -11.78 -2.10
N GLY A 462 -3.14 -10.83 -1.29
CA GLY A 462 -4.50 -10.34 -1.40
C GLY A 462 -5.53 -11.07 -0.56
N SER A 463 -5.23 -12.27 -0.08
CA SER A 463 -6.21 -13.04 0.67
C SER A 463 -6.44 -12.41 2.04
N TYR A 464 -7.70 -12.39 2.47
CA TYR A 464 -8.05 -11.77 3.74
C TYR A 464 -9.08 -12.61 4.47
N VAL A 465 -9.14 -12.40 5.79
CA VAL A 465 -10.17 -12.96 6.65
C VAL A 465 -10.63 -11.85 7.58
N TYR A 466 -11.93 -11.57 7.58
CA TYR A 466 -12.51 -10.61 8.50
C TYR A 466 -13.48 -11.33 9.44
N ASP A 467 -13.35 -11.10 10.74
CA ASP A 467 -14.21 -11.73 11.73
C ASP A 467 -14.80 -10.66 12.63
N VAL A 468 -16.09 -10.79 12.92
CA VAL A 468 -16.81 -9.81 13.73
C VAL A 468 -16.58 -10.12 15.21
N THR A 469 -16.02 -9.15 15.94
CA THR A 469 -15.85 -9.27 17.38
C THR A 469 -16.90 -8.50 18.17
N ALA A 470 -17.53 -7.51 17.56
CA ALA A 470 -18.44 -6.64 18.30
C ALA A 470 -19.68 -7.40 18.76
N SER A 471 -20.26 -6.96 19.87
CA SER A 471 -21.55 -7.48 20.31
C SER A 471 -22.64 -7.04 19.33
N VAL A 472 -23.60 -7.92 19.13
CA VAL A 472 -24.67 -7.63 18.19
C VAL A 472 -25.30 -6.28 18.50
N SER A 473 -25.41 -5.94 19.79
CA SER A 473 -26.08 -4.70 20.18
C SER A 473 -25.34 -3.46 19.71
N ASP A 474 -24.05 -3.58 19.41
CA ASP A 474 -23.25 -2.45 18.98
C ASP A 474 -23.12 -2.35 17.46
N ILE A 475 -23.89 -3.13 16.72
CA ILE A 475 -23.82 -3.10 15.26
C ILE A 475 -25.05 -2.34 14.75
N PRO A 476 -24.93 -1.06 14.43
CA PRO A 476 -26.10 -0.32 13.96
C PRO A 476 -26.50 -0.73 12.56
N ALA A 477 -27.74 -0.38 12.21
CA ALA A 477 -28.20 -0.53 10.84
C ALA A 477 -27.23 0.18 9.89
N GLY A 478 -26.89 -0.49 8.80
CA GLY A 478 -25.97 0.07 7.84
C GLY A 478 -24.53 0.11 8.30
N ALA A 479 -24.18 -0.62 9.37
CA ALA A 479 -22.79 -0.68 9.80
C ALA A 479 -21.91 -1.11 8.65
N THR A 480 -20.75 -0.45 8.53
CA THR A 480 -19.80 -0.75 7.47
C THR A 480 -18.39 -0.66 7.99
N GLU A 481 -17.58 -1.65 7.64
CA GLU A 481 -16.14 -1.59 7.82
C GLU A 481 -15.52 -1.15 6.51
N SER A 482 -14.35 -0.53 6.59
N SER A 482 -14.34 -0.54 6.61
CA SER A 482 -13.61 -0.15 5.39
CA SER A 482 -13.61 -0.11 5.43
C SER A 482 -12.13 -0.11 5.72
C SER A 482 -12.12 -0.11 5.74
N PHE A 483 -11.35 -0.91 5.02
CA PHE A 483 -9.91 -0.98 5.18
C PHE A 483 -9.28 -0.52 3.87
N ALA A 484 -8.31 0.39 3.96
CA ALA A 484 -7.54 0.80 2.79
C ALA A 484 -6.31 -0.10 2.68
N TYR A 485 -6.05 -0.61 1.48
CA TYR A 485 -4.87 -1.42 1.21
C TYR A 485 -4.08 -0.81 0.07
N LEU A 486 -2.77 -1.03 0.08
CA LEU A 486 -1.85 -0.50 -0.92
C LEU A 486 -1.13 -1.66 -1.59
N ILE A 487 -1.14 -1.68 -2.92
CA ILE A 487 -0.42 -2.69 -3.68
C ILE A 487 0.75 -2.01 -4.36
N GLN A 488 1.78 -2.80 -4.66
CA GLN A 488 3.04 -2.28 -5.17
C GLN A 488 3.61 -3.24 -6.20
N ASP A 489 4.10 -2.70 -7.33
CA ASP A 489 4.61 -3.52 -8.41
C ASP A 489 6.13 -3.65 -8.28
N GLN A 490 6.75 -4.23 -9.32
CA GLN A 490 8.14 -4.66 -9.23
C GLN A 490 9.08 -3.52 -8.86
N ASP A 491 8.83 -2.32 -9.39
CA ASP A 491 9.76 -1.21 -9.22
C ASP A 491 9.16 -0.07 -8.41
N GLY A 492 8.17 -0.34 -7.57
CA GLY A 492 7.79 0.56 -6.51
C GLY A 492 6.51 1.35 -6.72
N SER A 493 5.85 1.20 -7.87
CA SER A 493 4.61 1.92 -8.12
C SER A 493 3.54 1.36 -7.20
N THR A 494 2.69 2.25 -6.69
CA THR A 494 1.70 1.88 -5.68
C THR A 494 0.34 2.42 -6.06
N SER A 495 -0.69 1.70 -5.62
CA SER A 495 -2.09 2.08 -5.81
C SER A 495 -2.85 1.62 -4.57
N SER A 496 -3.81 2.43 -4.12
CA SER A 496 -4.63 2.10 -2.97
C SER A 496 -6.08 1.93 -3.40
N ALA A 497 -6.79 1.09 -2.66
CA ALA A 497 -8.23 0.92 -2.81
C ALA A 497 -8.77 0.58 -1.42
N ASN A 498 -10.08 0.47 -1.31
N ASN A 498 -10.08 0.46 -1.33
CA ASN A 498 -10.71 0.19 -0.03
CA ASN A 498 -10.76 0.21 -0.06
C ASN A 498 -11.51 -1.10 -0.10
C ASN A 498 -11.52 -1.11 -0.10
N LEU A 499 -11.38 -1.90 0.95
CA LEU A 499 -12.17 -3.11 1.14
C LEU A 499 -13.29 -2.74 2.10
N SER A 500 -14.51 -2.65 1.58
CA SER A 500 -15.69 -2.30 2.35
C SER A 500 -16.45 -3.57 2.71
N ILE A 501 -16.76 -3.74 3.99
CA ILE A 501 -17.47 -4.91 4.49
C ILE A 501 -18.75 -4.42 5.16
N ASN A 502 -19.89 -4.85 4.61
CA ASN A 502 -21.18 -4.56 5.23
C ASN A 502 -21.40 -5.54 6.38
N VAL A 503 -21.70 -5.00 7.56
CA VAL A 503 -21.89 -5.80 8.76
C VAL A 503 -23.35 -5.64 9.17
N GLY A 504 -24.16 -6.67 8.91
CA GLY A 504 -25.57 -6.66 9.22
C GLY A 504 -25.93 -7.67 10.30
N THR A 505 -27.17 -7.55 10.78
CA THR A 505 -27.74 -8.47 11.76
C THR A 505 -29.09 -8.95 11.27
N ASN A 506 -29.46 -10.17 11.66
CA ASN A 506 -30.72 -10.77 11.23
C ASN A 506 -31.17 -11.81 12.25
N ASP B 1 3.29 -9.77 61.04
CA ASP B 1 4.63 -9.43 60.59
C ASP B 1 4.73 -9.57 59.07
N SER B 2 4.59 -10.81 58.59
CA SER B 2 4.59 -11.12 57.17
C SER B 2 3.16 -11.46 56.77
N THR B 3 2.49 -10.52 56.11
CA THR B 3 1.13 -10.69 55.64
C THR B 3 1.14 -10.72 54.11
N ASP B 4 0.09 -11.33 53.56
CA ASP B 4 -0.11 -11.38 52.12
C ASP B 4 -1.39 -10.63 51.81
CA CA C . 38.13 21.13 -50.28
CA CA D . 32.25 29.58 -42.65
CA CA E . 8.50 -0.18 -15.03
CA CA F . 6.06 0.58 -12.14
CA CA G . 16.04 1.12 -15.06
CA CA H . -9.58 -4.83 -5.28
CA CA I . -3.86 -9.65 51.00
CA CA J . -0.68 -8.78 49.09
CA CA K . 22.48 25.25 -42.45
CA CA L . 32.55 27.72 -38.87
CA CA M . 15.38 15.79 -48.50
CA CA N . -29.00 -15.65 49.17
CA CA O . -26.30 -17.20 46.87
CA CA P . -29.84 -16.43 41.66
CA CA Q . 42.06 45.56 -62.15
CA CA R . -19.21 -12.92 2.42
OH2 1PE S . -14.86 -12.87 66.48
C12 1PE S . -14.54 -11.76 65.69
C22 1PE S . -14.26 -12.21 64.25
OH3 1PE S . -12.96 -11.87 63.91
C13 1PE S . -12.39 -11.98 61.58
C23 1PE S . -12.87 -11.10 62.74
OH4 1PE S . -13.20 -13.13 61.53
C14 1PE S . -13.34 -15.26 60.49
C24 1PE S . -13.21 -13.75 60.29
OH5 1PE S . -12.09 -15.85 60.25
C15 1PE S . -10.49 -17.54 60.77
C25 1PE S . -11.95 -17.12 60.82
OH6 1PE S . -9.86 -17.24 61.99
C16 1PE S . -8.06 -17.76 63.49
C26 1PE S . -8.54 -17.68 62.05
OH7 1PE S . -8.89 -17.00 64.32
HO2 1PE S . -15.06 -12.62 67.26
H121 1PE S . -15.29 -11.15 65.69
H122 1PE S . -13.76 -11.32 66.04
H221 1PE S . -14.88 -11.77 63.65
H222 1PE S . -14.38 -13.17 64.19
H131 1PE S . -12.47 -11.50 60.75
H132 1PE S . -11.47 -12.24 61.74
H231 1PE S . -13.75 -10.74 62.54
H232 1PE S . -12.24 -10.37 62.88
H141 1PE S . -13.99 -15.63 59.88
H142 1PE S . -13.61 -15.44 61.40
H241 1PE S . -13.98 -13.43 59.77
H242 1PE S . -12.40 -13.55 59.80
H151 1PE S . -10.04 -17.05 60.06
H152 1PE S . -10.43 -18.48 60.60
H251 1PE S . -12.49 -17.76 60.33
H252 1PE S . -12.26 -17.10 61.74
H161 1PE S . -8.06 -18.68 63.79
H162 1PE S . -7.15 -17.41 63.55
H261 1PE S . -8.48 -18.57 61.65
H262 1PE S . -7.97 -17.06 61.55
HO7 1PE S . -8.63 -17.06 65.12
#